data_5V5D
#
_entry.id   5V5D
#
_cell.length_a   69.060
_cell.length_b   94.090
_cell.length_c   119.680
_cell.angle_alpha   90.000
_cell.angle_beta   90.000
_cell.angle_gamma   90.000
#
_symmetry.space_group_name_H-M   'I 2 2 2'
#
loop_
_entity.id
_entity.type
_entity.pdbx_description
1 polymer 'ORF 17'
2 non-polymer '4-{[6-(cyclohexylmethyl)pyridine-2-carbonyl]amino}-3-(phenylamino)benzoic acid'
3 water water
#
_entity_poly.entity_id   1
_entity_poly.type   'polypeptide(L)'
_entity_poly.pdbx_seq_one_letter_code
;GLYVGGFVDVVSCPKLEQELYLDPDQVTDYLPVTEPLPITIEHLPETEVGWTLGLFQVSHGIFCTGAITSPAFLELASRL
ADTSHVARAPVKNLPKEPLLEILHTWLPGLSLSSIHPRELSQTPSGPVFQHVSLCALGRRRGTVAVYGHDAEWVVSRFSS
VSKSERAHILQHVSSCRLEDLSTPNFVSPLETL
;
_entity_poly.pdbx_strand_id   A,B
#
loop_
_chem_comp.id
_chem_comp.type
_chem_comp.name
_chem_comp.formula
8OY non-polymer '4-{[6-(cyclohexylmethyl)pyridine-2-carbonyl]amino}-3-(phenylamino)benzoic acid' 'C26 H27 N3 O3'
#
# COMPACT_ATOMS: atom_id res chain seq x y z
N GLY A 1 -8.65 -19.39 3.64
CA GLY A 1 -7.43 -18.64 3.41
C GLY A 1 -6.23 -19.53 3.10
N LEU A 2 -5.55 -19.21 2.00
CA LEU A 2 -4.38 -19.97 1.56
C LEU A 2 -3.12 -19.16 1.79
N TYR A 3 -2.01 -19.88 1.95
CA TYR A 3 -0.69 -19.28 2.03
C TYR A 3 0.10 -19.59 0.76
N VAL A 4 0.97 -18.67 0.37
CA VAL A 4 1.85 -18.84 -0.76
C VAL A 4 3.26 -18.48 -0.31
N GLY A 5 4.24 -19.24 -0.80
CA GLY A 5 5.63 -18.98 -0.47
C GLY A 5 6.53 -19.32 -1.64
N GLY A 6 7.68 -18.66 -1.68
CA GLY A 6 8.66 -18.92 -2.71
C GLY A 6 9.62 -17.77 -2.88
N PHE A 7 10.60 -18.00 -3.75
CA PHE A 7 11.61 -16.99 -4.07
C PHE A 7 11.14 -16.14 -5.24
N VAL A 8 11.39 -14.84 -5.16
CA VAL A 8 10.88 -13.90 -6.14
C VAL A 8 11.94 -13.61 -7.18
N ASP A 9 11.49 -13.34 -8.40
CA ASP A 9 12.24 -12.52 -9.33
C ASP A 9 11.94 -11.06 -9.02
N VAL A 10 12.99 -10.23 -9.00
CA VAL A 10 12.83 -8.80 -8.76
C VAL A 10 12.82 -8.10 -10.11
N VAL A 11 11.69 -7.48 -10.43
CA VAL A 11 11.51 -6.79 -11.70
C VAL A 11 11.06 -5.36 -11.41
N SER A 12 11.39 -4.46 -12.33
CA SER A 12 10.86 -3.10 -12.33
C SER A 12 10.23 -2.89 -13.70
N CYS A 13 8.91 -2.98 -13.76
CA CYS A 13 8.17 -2.90 -15.02
C CYS A 13 8.50 -1.58 -15.72
N PRO A 14 9.32 -1.58 -16.77
CA PRO A 14 9.70 -0.33 -17.41
C PRO A 14 8.73 0.09 -18.51
N LYS A 15 8.77 1.38 -18.82
CA LYS A 15 7.91 1.93 -19.88
C LYS A 15 8.52 1.74 -21.26
N LEU A 16 9.83 1.97 -21.38
CA LEU A 16 10.49 1.83 -22.67
C LEU A 16 10.68 0.37 -23.04
N GLU A 17 11.39 -0.38 -22.19
CA GLU A 17 11.80 -1.74 -22.51
C GLU A 17 10.68 -2.73 -22.26
N GLN A 18 10.95 -4.01 -22.55
CA GLN A 18 9.98 -5.06 -22.32
C GLN A 18 10.01 -5.57 -20.89
N GLU A 19 11.20 -5.69 -20.30
CA GLU A 19 11.32 -6.20 -18.95
C GLU A 19 12.74 -5.96 -18.45
N LEU A 20 12.86 -5.79 -17.14
CA LEU A 20 14.15 -5.52 -16.50
C LEU A 20 14.23 -6.37 -15.24
N TYR A 21 15.11 -7.37 -15.25
CA TYR A 21 15.32 -8.24 -14.09
C TYR A 21 16.48 -7.70 -13.27
N LEU A 22 16.18 -7.29 -12.04
CA LEU A 22 17.22 -6.76 -11.16
C LEU A 22 17.96 -7.89 -10.46
N ASP A 23 19.21 -7.62 -10.11
CA ASP A 23 19.95 -8.53 -9.25
C ASP A 23 19.43 -8.38 -7.82
N PRO A 24 19.10 -9.46 -7.12
CA PRO A 24 18.57 -9.31 -5.76
C PRO A 24 19.42 -8.43 -4.85
N ASP A 25 20.74 -8.38 -5.07
CA ASP A 25 21.61 -7.60 -4.21
C ASP A 25 21.33 -6.11 -4.30
N GLN A 26 20.62 -5.65 -5.33
CA GLN A 26 20.33 -4.23 -5.50
C GLN A 26 19.24 -3.73 -4.56
N VAL A 27 18.54 -4.62 -3.85
CA VAL A 27 17.42 -4.24 -3.01
C VAL A 27 17.51 -4.79 -1.59
N THR A 28 18.53 -5.60 -1.29
CA THR A 28 18.61 -6.22 0.03
C THR A 28 18.66 -5.17 1.13
N ASP A 29 19.24 -4.00 0.86
CA ASP A 29 19.29 -2.95 1.87
C ASP A 29 17.90 -2.56 2.36
N TYR A 30 16.88 -2.74 1.51
CA TYR A 30 15.52 -2.35 1.85
C TYR A 30 14.68 -3.52 2.35
N LEU A 31 15.32 -4.63 2.71
CA LEU A 31 14.67 -5.78 3.30
C LEU A 31 15.10 -5.93 4.76
N PRO A 32 14.26 -6.58 5.60
CA PRO A 32 12.97 -7.19 5.26
C PRO A 32 11.83 -6.18 5.19
N VAL A 33 10.75 -6.59 4.54
CA VAL A 33 9.50 -5.81 4.48
C VAL A 33 8.43 -6.67 5.14
N THR A 34 7.91 -6.20 6.27
CA THR A 34 6.86 -6.91 6.99
C THR A 34 5.53 -6.19 6.97
N GLU A 35 5.42 -5.07 6.23
CA GLU A 35 4.13 -4.43 6.05
C GLU A 35 3.41 -5.05 4.85
N PRO A 36 2.08 -5.14 4.88
CA PRO A 36 1.36 -5.88 3.83
C PRO A 36 1.39 -5.14 2.50
N LEU A 37 1.88 -5.83 1.47
CA LEU A 37 1.81 -5.37 0.10
C LEU A 37 0.79 -6.18 -0.69
N PRO A 38 0.13 -5.59 -1.69
CA PRO A 38 -0.87 -6.36 -2.45
C PRO A 38 -0.22 -7.50 -3.22
N ILE A 39 -0.94 -8.60 -3.32
CA ILE A 39 -0.59 -9.70 -4.23
C ILE A 39 -1.59 -9.66 -5.37
N THR A 40 -1.09 -9.49 -6.59
CA THR A 40 -1.91 -9.40 -7.79
C THR A 40 -1.49 -10.46 -8.80
N ILE A 41 -2.24 -10.55 -9.89
CA ILE A 41 -1.97 -11.49 -10.97
C ILE A 41 -1.34 -10.72 -12.13
N GLU A 42 -0.12 -11.10 -12.49
CA GLU A 42 0.58 -10.55 -13.65
C GLU A 42 0.61 -9.01 -13.61
N HIS A 43 0.89 -8.47 -12.43
CA HIS A 43 1.13 -7.04 -12.24
C HIS A 43 -0.09 -6.19 -12.57
N LEU A 44 -1.29 -6.77 -12.56
CA LEU A 44 -2.50 -6.03 -12.85
C LEU A 44 -3.10 -5.50 -11.56
N PRO A 45 -3.14 -4.18 -11.33
CA PRO A 45 -3.60 -3.68 -10.02
C PRO A 45 -5.03 -4.05 -9.71
N GLU A 46 -5.85 -4.38 -10.70
CA GLU A 46 -7.24 -4.74 -10.47
C GLU A 46 -7.43 -6.21 -10.07
N THR A 47 -6.36 -6.96 -9.84
CA THR A 47 -6.44 -8.38 -9.56
C THR A 47 -5.83 -8.73 -8.22
N GLU A 48 -6.00 -7.85 -7.22
CA GLU A 48 -5.54 -8.14 -5.87
C GLU A 48 -6.23 -9.38 -5.34
N VAL A 49 -5.47 -10.42 -5.03
CA VAL A 49 -6.01 -11.63 -4.42
C VAL A 49 -5.57 -11.83 -2.98
N GLY A 50 -4.61 -11.05 -2.51
CA GLY A 50 -4.16 -11.20 -1.14
C GLY A 50 -3.13 -10.17 -0.77
N TRP A 51 -2.35 -10.50 0.26
CA TRP A 51 -1.38 -9.57 0.83
C TRP A 51 -0.12 -10.33 1.23
N THR A 52 1.03 -9.69 1.07
CA THR A 52 2.27 -10.26 1.58
C THR A 52 2.30 -10.16 3.10
N LEU A 53 2.88 -11.17 3.73
CA LEU A 53 3.15 -11.13 5.16
C LEU A 53 4.61 -10.85 5.47
N GLY A 54 5.51 -11.15 4.55
CA GLY A 54 6.92 -10.83 4.74
C GLY A 54 7.76 -11.06 3.50
N LEU A 55 8.70 -10.15 3.26
CA LEU A 55 9.75 -10.30 2.27
C LEU A 55 11.08 -10.38 3.02
N PHE A 56 11.82 -11.46 2.82
CA PHE A 56 13.01 -11.72 3.61
C PHE A 56 14.19 -12.06 2.70
N GLN A 57 15.37 -11.59 3.10
CA GLN A 57 16.61 -11.99 2.48
C GLN A 57 17.12 -13.25 3.16
N VAL A 58 17.27 -14.33 2.40
CA VAL A 58 17.82 -15.57 2.93
C VAL A 58 19.04 -15.95 2.09
N SER A 59 19.71 -17.04 2.47
CA SER A 59 20.95 -17.41 1.78
C SER A 59 20.72 -17.62 0.30
N HIS A 60 19.59 -18.22 -0.07
CA HIS A 60 19.32 -18.60 -1.45
C HIS A 60 18.61 -17.52 -2.26
N GLY A 61 18.31 -16.38 -1.65
CA GLY A 61 17.66 -15.29 -2.36
C GLY A 61 16.65 -14.53 -1.53
N ILE A 62 15.68 -13.91 -2.19
CA ILE A 62 14.64 -13.12 -1.54
C ILE A 62 13.39 -14.00 -1.47
N PHE A 63 12.99 -14.36 -0.25
CA PHE A 63 11.86 -15.25 -0.04
C PHE A 63 10.63 -14.45 0.38
N CYS A 64 9.48 -14.81 -0.19
CA CYS A 64 8.22 -14.13 0.06
C CYS A 64 7.21 -15.09 0.66
N THR A 65 6.47 -14.60 1.66
N THR A 65 6.48 -14.61 1.66
CA THR A 65 5.34 -15.33 2.24
CA THR A 65 5.34 -15.33 2.23
C THR A 65 4.14 -14.40 2.24
C THR A 65 4.14 -14.41 2.24
N GLY A 66 3.01 -14.89 1.72
CA GLY A 66 1.80 -14.09 1.64
C GLY A 66 0.57 -14.94 1.90
N ALA A 67 -0.57 -14.27 1.91
CA ALA A 67 -1.87 -14.92 2.14
C ALA A 67 -2.80 -14.58 0.98
N ILE A 68 -3.45 -15.60 0.44
CA ILE A 68 -4.47 -15.43 -0.59
C ILE A 68 -5.81 -15.37 0.14
N THR A 69 -6.42 -14.18 0.19
CA THR A 69 -7.58 -13.94 1.04
C THR A 69 -8.84 -13.57 0.26
N SER A 70 -8.74 -13.26 -1.02
CA SER A 70 -9.92 -12.81 -1.76
C SER A 70 -10.99 -13.91 -1.77
N PRO A 71 -12.19 -13.66 -1.21
CA PRO A 71 -13.23 -14.69 -1.29
C PRO A 71 -13.64 -15.02 -2.71
N ALA A 72 -13.77 -14.00 -3.57
CA ALA A 72 -14.16 -14.25 -4.95
C ALA A 72 -13.15 -15.14 -5.66
N PHE A 73 -11.86 -14.91 -5.43
CA PHE A 73 -10.83 -15.70 -6.11
C PHE A 73 -10.79 -17.13 -5.56
N LEU A 74 -10.84 -17.28 -4.24
CA LEU A 74 -10.77 -18.61 -3.63
C LEU A 74 -11.95 -19.47 -4.04
N GLU A 75 -13.15 -18.90 -4.06
CA GLU A 75 -14.33 -19.66 -4.49
C GLU A 75 -14.22 -20.04 -5.96
N LEU A 76 -13.82 -19.10 -6.82
CA LEU A 76 -13.67 -19.40 -8.24
C LEU A 76 -12.62 -20.48 -8.45
N ALA A 77 -11.44 -20.31 -7.85
CA ALA A 77 -10.35 -21.26 -8.06
C ALA A 77 -10.68 -22.63 -7.49
N SER A 78 -11.41 -22.68 -6.38
CA SER A 78 -11.81 -23.97 -5.82
C SER A 78 -12.79 -24.69 -6.74
N ARG A 79 -13.78 -23.97 -7.26
CA ARG A 79 -14.74 -24.59 -8.17
C ARG A 79 -14.03 -25.11 -9.42
N LEU A 80 -13.15 -24.29 -10.01
CA LEU A 80 -12.38 -24.73 -11.17
C LEU A 80 -11.56 -25.98 -10.85
N ALA A 81 -11.00 -26.04 -9.64
CA ALA A 81 -10.16 -27.17 -9.29
C ALA A 81 -10.93 -28.47 -9.20
N ASP A 82 -12.24 -28.41 -8.96
CA ASP A 82 -13.05 -29.61 -8.79
C ASP A 82 -13.90 -29.94 -10.01
N THR A 83 -14.02 -29.03 -10.98
CA THR A 83 -14.97 -29.21 -12.08
C THR A 83 -14.40 -28.90 -13.46
N SER A 84 -13.27 -28.23 -13.59
CA SER A 84 -12.76 -27.81 -14.89
C SER A 84 -11.73 -28.79 -15.40
N HIS A 85 -12.01 -29.38 -16.57
CA HIS A 85 -11.04 -30.25 -17.22
C HIS A 85 -9.83 -29.47 -17.72
N VAL A 86 -10.05 -28.22 -18.12
CA VAL A 86 -8.94 -27.39 -18.59
C VAL A 86 -7.97 -27.11 -17.45
N ALA A 87 -8.49 -26.71 -16.29
CA ALA A 87 -7.62 -26.42 -15.15
C ALA A 87 -6.83 -27.64 -14.72
N ARG A 88 -7.42 -28.84 -14.84
CA ARG A 88 -6.78 -30.07 -14.38
C ARG A 88 -5.92 -30.73 -15.46
N ALA A 89 -5.97 -30.25 -16.71
CA ALA A 89 -5.24 -30.93 -17.78
C ALA A 89 -3.73 -30.95 -17.56
N PRO A 90 -3.07 -29.87 -17.13
CA PRO A 90 -1.61 -29.89 -17.00
C PRO A 90 -1.08 -30.42 -15.68
N VAL A 91 -1.92 -31.00 -14.81
CA VAL A 91 -1.47 -31.49 -13.52
C VAL A 91 -1.67 -32.99 -13.47
N LYS A 92 -0.95 -33.64 -12.54
CA LYS A 92 -1.06 -35.08 -12.39
C LYS A 92 -2.50 -35.49 -12.15
N ASN A 93 -2.82 -36.73 -12.51
CA ASN A 93 -4.17 -37.24 -12.32
C ASN A 93 -4.47 -37.41 -10.84
N LEU A 94 -5.71 -37.09 -10.46
CA LEU A 94 -6.27 -37.43 -9.16
C LEU A 94 -5.42 -36.91 -8.00
N PRO A 95 -5.07 -35.63 -7.97
CA PRO A 95 -4.34 -35.10 -6.82
C PRO A 95 -5.23 -35.05 -5.59
N LYS A 96 -4.60 -35.17 -4.41
CA LYS A 96 -5.36 -35.16 -3.17
C LYS A 96 -5.88 -33.77 -2.83
N GLU A 97 -5.19 -32.72 -3.27
CA GLU A 97 -5.59 -31.34 -3.01
C GLU A 97 -5.53 -30.58 -4.32
N PRO A 98 -6.57 -30.70 -5.16
CA PRO A 98 -6.48 -30.11 -6.51
C PRO A 98 -6.26 -28.61 -6.52
N LEU A 99 -6.89 -27.87 -5.60
CA LEU A 99 -6.70 -26.43 -5.56
C LEU A 99 -5.22 -26.07 -5.48
N LEU A 100 -4.50 -26.69 -4.54
CA LEU A 100 -3.08 -26.37 -4.37
C LEU A 100 -2.28 -26.75 -5.60
N GLU A 101 -2.60 -27.90 -6.21
N GLU A 101 -2.56 -27.92 -6.19
CA GLU A 101 -1.88 -28.33 -7.42
CA GLU A 101 -1.80 -28.35 -7.35
C GLU A 101 -2.14 -27.38 -8.58
C GLU A 101 -2.04 -27.43 -8.55
N ILE A 102 -3.39 -26.93 -8.74
N ILE A 102 -3.25 -26.91 -8.70
CA ILE A 102 -3.74 -26.04 -9.83
CA ILE A 102 -3.57 -26.09 -9.86
C ILE A 102 -2.94 -24.74 -9.74
C ILE A 102 -2.93 -24.71 -9.76
N LEU A 103 -2.92 -24.13 -8.56
CA LEU A 103 -2.20 -22.87 -8.38
C LEU A 103 -0.71 -23.07 -8.56
N HIS A 104 -0.18 -24.15 -8.00
CA HIS A 104 1.24 -24.48 -8.14
C HIS A 104 1.67 -24.59 -9.59
N THR A 105 0.78 -25.05 -10.47
CA THR A 105 1.14 -25.25 -11.87
CA THR A 105 1.09 -25.27 -11.88
C THR A 105 0.77 -24.07 -12.76
N TRP A 106 -0.37 -23.42 -12.52
CA TRP A 106 -0.81 -22.32 -13.39
C TRP A 106 -0.18 -20.99 -13.01
N LEU A 107 0.20 -20.81 -11.75
CA LEU A 107 0.81 -19.57 -11.27
C LEU A 107 2.08 -19.94 -10.51
N PRO A 108 3.10 -20.44 -11.22
CA PRO A 108 4.32 -20.89 -10.53
C PRO A 108 5.28 -19.78 -10.16
N GLY A 109 5.12 -18.58 -10.73
CA GLY A 109 6.09 -17.52 -10.57
C GLY A 109 5.65 -16.46 -9.58
N LEU A 110 6.60 -15.99 -8.76
CA LEU A 110 6.43 -14.85 -7.88
C LEU A 110 7.38 -13.75 -8.31
N SER A 111 6.84 -12.56 -8.56
CA SER A 111 7.64 -11.42 -8.99
C SER A 111 7.41 -10.25 -8.04
N LEU A 112 8.50 -9.64 -7.61
CA LEU A 112 8.46 -8.50 -6.69
C LEU A 112 8.72 -7.23 -7.49
N SER A 113 7.75 -6.32 -7.49
CA SER A 113 7.86 -5.09 -8.27
C SER A 113 8.66 -4.05 -7.49
N SER A 114 9.70 -3.52 -8.13
CA SER A 114 10.60 -2.56 -7.51
C SER A 114 10.65 -1.29 -8.34
N ILE A 115 11.10 -0.21 -7.71
CA ILE A 115 11.36 1.05 -8.42
C ILE A 115 12.61 0.84 -9.27
N HIS A 116 12.86 1.76 -10.20
CA HIS A 116 13.98 1.61 -11.10
C HIS A 116 15.29 1.66 -10.31
N PRO A 117 16.32 0.93 -10.75
CA PRO A 117 17.62 0.99 -10.04
C PRO A 117 18.21 2.38 -9.95
N ARG A 118 17.71 3.35 -10.71
CA ARG A 118 18.20 4.72 -10.60
C ARG A 118 18.06 5.23 -9.17
N GLU A 119 16.88 5.04 -8.56
CA GLU A 119 16.64 5.54 -7.22
C GLU A 119 17.21 4.60 -6.15
N LEU A 120 17.36 3.32 -6.47
CA LEU A 120 17.90 2.38 -5.48
C LEU A 120 19.31 2.75 -5.07
N SER A 121 20.12 3.23 -6.02
CA SER A 121 21.50 3.59 -5.71
C SER A 121 21.57 4.83 -4.84
N GLN A 122 20.62 5.75 -4.98
CA GLN A 122 20.58 6.96 -4.17
C GLN A 122 19.71 6.73 -2.93
N THR A 123 19.06 7.78 -2.43
CA THR A 123 18.20 7.67 -1.27
C THR A 123 16.75 7.78 -1.71
N PRO A 124 15.97 6.70 -1.69
CA PRO A 124 14.59 6.78 -2.20
C PRO A 124 13.70 7.58 -1.28
N SER A 125 12.79 8.35 -1.88
CA SER A 125 11.87 9.16 -1.09
C SER A 125 10.70 8.34 -0.57
N GLY A 126 10.13 7.48 -1.41
CA GLY A 126 8.99 6.69 -1.05
C GLY A 126 9.26 5.20 -1.06
N PRO A 127 8.20 4.39 -1.02
CA PRO A 127 8.37 2.94 -0.96
C PRO A 127 9.20 2.41 -2.12
N VAL A 128 10.05 1.43 -1.82
CA VAL A 128 10.88 0.81 -2.85
C VAL A 128 10.11 -0.26 -3.61
N PHE A 129 9.12 -0.89 -2.97
CA PHE A 129 8.35 -1.98 -3.57
C PHE A 129 6.87 -1.61 -3.61
N GLN A 130 6.19 -2.04 -4.67
CA GLN A 130 4.78 -1.74 -4.85
C GLN A 130 3.88 -2.95 -4.65
N HIS A 131 4.30 -4.13 -5.09
CA HIS A 131 3.45 -5.31 -4.97
C HIS A 131 4.28 -6.55 -5.29
N VAL A 132 3.67 -7.70 -5.03
CA VAL A 132 4.14 -8.98 -5.53
C VAL A 132 3.06 -9.55 -6.44
N SER A 133 3.48 -10.18 -7.53
CA SER A 133 2.54 -10.74 -8.49
C SER A 133 2.73 -12.24 -8.62
N LEU A 134 1.61 -12.96 -8.64
CA LEU A 134 1.57 -14.34 -9.11
C LEU A 134 1.60 -14.31 -10.63
N CYS A 135 2.54 -15.04 -11.22
CA CYS A 135 2.80 -14.94 -12.65
C CYS A 135 2.76 -16.31 -13.33
N ALA A 136 2.27 -16.29 -14.57
CA ALA A 136 2.26 -17.48 -15.42
C ALA A 136 3.42 -17.53 -16.40
N LEU A 137 4.07 -16.40 -16.68
CA LEU A 137 5.18 -16.33 -17.62
C LEU A 137 6.29 -15.47 -17.03
N GLY A 138 7.47 -15.54 -17.64
CA GLY A 138 8.57 -14.68 -17.30
C GLY A 138 9.44 -15.14 -16.16
N ARG A 139 9.34 -16.39 -15.75
CA ARG A 139 10.15 -16.89 -14.65
C ARG A 139 11.60 -17.04 -15.09
N ARG A 140 12.52 -16.49 -14.30
CA ARG A 140 13.95 -16.56 -14.60
C ARG A 140 14.69 -17.51 -13.68
N ARG A 141 14.62 -17.30 -12.37
CA ARG A 141 15.37 -18.13 -11.44
C ARG A 141 14.65 -19.46 -11.20
N GLY A 142 15.37 -20.38 -10.56
CA GLY A 142 14.83 -21.70 -10.27
C GLY A 142 13.89 -21.69 -9.09
N THR A 143 13.26 -22.85 -8.87
CA THR A 143 12.20 -23.06 -7.87
C THR A 143 10.92 -22.37 -8.30
N VAL A 144 9.78 -22.89 -7.84
CA VAL A 144 8.47 -22.36 -8.20
C VAL A 144 7.69 -22.09 -6.91
N ALA A 145 6.55 -21.40 -7.08
CA ALA A 145 5.73 -21.03 -5.94
C ALA A 145 5.03 -22.25 -5.33
N VAL A 146 4.89 -22.23 -4.01
CA VAL A 146 4.21 -23.28 -3.27
C VAL A 146 2.98 -22.67 -2.61
N TYR A 147 1.85 -23.39 -2.69
CA TYR A 147 0.60 -22.98 -2.09
C TYR A 147 0.18 -24.03 -1.07
N GLY A 148 -0.39 -23.58 0.05
CA GLY A 148 -0.78 -24.50 1.10
C GLY A 148 -1.72 -23.85 2.09
N HIS A 149 -2.29 -24.67 2.95
CA HIS A 149 -3.21 -24.21 3.98
C HIS A 149 -2.49 -23.81 5.27
N ASP A 150 -1.24 -24.20 5.44
CA ASP A 150 -0.47 -23.95 6.65
C ASP A 150 0.84 -23.30 6.28
N ALA A 151 1.15 -22.17 6.94
CA ALA A 151 2.35 -21.42 6.60
C ALA A 151 3.61 -22.23 6.85
N GLU A 152 3.69 -22.90 8.01
CA GLU A 152 4.86 -23.73 8.31
C GLU A 152 5.07 -24.78 7.23
N TRP A 153 3.99 -25.40 6.76
CA TRP A 153 4.11 -26.41 5.71
C TRP A 153 4.69 -25.82 4.43
N VAL A 154 4.25 -24.61 4.07
CA VAL A 154 4.71 -23.99 2.82
C VAL A 154 6.21 -23.73 2.88
N VAL A 155 6.68 -23.11 3.96
CA VAL A 155 8.09 -22.74 4.04
C VAL A 155 8.97 -23.98 4.13
N SER A 156 8.51 -25.01 4.87
CA SER A 156 9.32 -26.21 5.03
C SER A 156 9.45 -27.01 3.73
N ARG A 157 8.65 -26.70 2.71
CA ARG A 157 8.80 -27.35 1.41
C ARG A 157 10.04 -26.90 0.67
N PHE A 158 10.74 -25.86 1.14
CA PHE A 158 11.94 -25.35 0.49
C PHE A 158 13.14 -25.84 1.31
N SER A 159 13.78 -26.91 0.83
CA SER A 159 14.98 -27.42 1.49
C SER A 159 16.11 -26.40 1.47
N SER A 160 16.06 -25.43 0.56
CA SER A 160 17.08 -24.39 0.47
C SER A 160 16.92 -23.32 1.54
N VAL A 161 15.91 -23.42 2.40
CA VAL A 161 15.73 -22.50 3.51
C VAL A 161 16.05 -23.26 4.79
N SER A 162 16.99 -22.73 5.57
CA SER A 162 17.47 -23.42 6.76
C SER A 162 16.46 -23.32 7.89
N LYS A 163 16.71 -24.11 8.94
CA LYS A 163 15.83 -24.09 10.10
C LYS A 163 15.81 -22.71 10.76
N SER A 164 16.97 -22.04 10.78
CA SER A 164 17.02 -20.70 11.37
C SER A 164 16.23 -19.70 10.53
N GLU A 165 16.36 -19.78 9.21
CA GLU A 165 15.63 -18.87 8.34
C GLU A 165 14.13 -19.13 8.42
N ARG A 166 13.72 -20.40 8.49
CA ARG A 166 12.30 -20.71 8.59
C ARG A 166 11.71 -20.18 9.90
N ALA A 167 12.47 -20.26 10.98
CA ALA A 167 11.97 -19.75 12.26
C ALA A 167 11.82 -18.23 12.23
N HIS A 168 12.79 -17.52 11.64
CA HIS A 168 12.65 -16.08 11.49
C HIS A 168 11.45 -15.73 10.63
N ILE A 169 11.28 -16.44 9.51
CA ILE A 169 10.14 -16.17 8.62
C ILE A 169 8.84 -16.39 9.37
N LEU A 170 8.70 -17.53 10.05
CA LEU A 170 7.44 -17.89 10.66
C LEU A 170 7.10 -17.02 11.86
N GLN A 171 8.09 -16.40 12.49
CA GLN A 171 7.81 -15.49 13.60
C GLN A 171 6.89 -14.36 13.14
N HIS A 172 7.23 -13.71 12.03
CA HIS A 172 6.39 -12.62 11.53
C HIS A 172 5.05 -13.12 11.02
N VAL A 173 5.06 -14.24 10.30
CA VAL A 173 3.82 -14.78 9.74
C VAL A 173 2.81 -15.04 10.84
N SER A 174 3.24 -15.69 11.91
CA SER A 174 2.32 -15.98 13.02
C SER A 174 1.93 -14.73 13.78
N SER A 175 2.71 -13.66 13.70
CA SER A 175 2.44 -12.43 14.42
C SER A 175 1.35 -11.58 13.76
N CYS A 176 0.77 -12.03 12.66
CA CYS A 176 -0.25 -11.28 11.94
C CYS A 176 -1.53 -12.10 11.85
N ARG A 177 -2.66 -11.46 12.10
CA ARG A 177 -3.97 -12.07 11.89
C ARG A 177 -4.54 -11.57 10.57
N LEU A 178 -5.06 -12.49 9.76
CA LEU A 178 -5.58 -12.15 8.45
C LEU A 178 -6.94 -11.47 8.50
N GLU A 179 -7.60 -11.48 9.66
CA GLU A 179 -8.94 -10.90 9.75
C GLU A 179 -8.91 -9.39 9.53
N ASP A 180 -7.97 -8.69 10.16
CA ASP A 180 -7.86 -7.24 10.05
C ASP A 180 -7.09 -6.79 8.81
N LEU A 181 -7.07 -7.61 7.76
CA LEU A 181 -6.57 -7.19 6.45
C LEU A 181 -7.77 -6.92 5.55
N SER A 182 -7.71 -5.81 4.82
CA SER A 182 -8.84 -5.42 3.99
C SER A 182 -9.07 -6.44 2.87
N THR A 183 -10.30 -6.45 2.37
CA THR A 183 -10.66 -7.39 1.32
C THR A 183 -10.01 -6.95 0.01
N PRO A 184 -9.27 -7.83 -0.68
CA PRO A 184 -8.70 -7.45 -1.98
C PRO A 184 -9.79 -7.12 -3.00
N ASN A 185 -9.38 -6.44 -4.07
CA ASN A 185 -10.33 -5.90 -5.05
C ASN A 185 -10.63 -6.86 -6.19
N PHE A 186 -10.07 -8.07 -6.19
CA PHE A 186 -10.29 -8.99 -7.30
C PHE A 186 -11.78 -9.21 -7.54
N VAL A 187 -12.18 -9.12 -8.81
CA VAL A 187 -13.55 -9.41 -9.23
C VAL A 187 -13.50 -10.61 -10.18
N SER A 188 -14.42 -11.54 -10.01
CA SER A 188 -14.47 -12.70 -10.89
C SER A 188 -14.71 -12.26 -12.32
N PRO A 189 -13.92 -12.74 -13.30
CA PRO A 189 -14.20 -12.37 -14.69
C PRO A 189 -15.57 -12.81 -15.19
N LEU A 190 -16.22 -13.74 -14.50
CA LEU A 190 -17.52 -14.24 -14.93
C LEU A 190 -18.66 -13.28 -14.63
N GLU A 191 -18.39 -12.17 -13.96
CA GLU A 191 -19.43 -11.19 -13.64
C GLU A 191 -19.56 -10.17 -14.76
N GLY B 1 -13.80 8.93 -4.85
CA GLY B 1 -13.17 9.30 -3.59
C GLY B 1 -13.01 10.80 -3.44
N LEU B 2 -12.34 11.22 -2.37
CA LEU B 2 -12.12 12.62 -2.08
C LEU B 2 -10.66 12.99 -2.30
N TYR B 3 -10.43 14.26 -2.62
CA TYR B 3 -9.09 14.81 -2.70
C TYR B 3 -8.78 15.60 -1.44
N VAL B 4 -7.56 15.47 -0.95
CA VAL B 4 -7.09 16.25 0.20
C VAL B 4 -5.84 17.01 -0.25
N GLY B 5 -5.68 18.22 0.29
CA GLY B 5 -4.55 19.04 -0.07
C GLY B 5 -4.17 20.01 1.03
N GLY B 6 -2.92 20.43 1.01
CA GLY B 6 -2.45 21.43 1.94
C GLY B 6 -0.98 21.24 2.26
N PHE B 7 -0.43 22.21 2.97
CA PHE B 7 0.92 22.09 3.48
C PHE B 7 0.95 21.09 4.63
N VAL B 8 2.11 20.47 4.81
N VAL B 8 2.10 20.46 4.81
CA VAL B 8 2.31 19.48 5.87
CA VAL B 8 2.26 19.39 5.78
C VAL B 8 3.37 19.99 6.83
C VAL B 8 3.28 19.81 6.84
N ASP B 9 3.32 19.48 8.05
N ASP B 9 2.97 19.50 8.09
CA ASP B 9 4.41 19.61 9.00
CA ASP B 9 4.02 19.41 9.09
C ASP B 9 5.12 18.27 9.09
C ASP B 9 4.88 18.19 8.80
N VAL B 10 6.44 18.30 9.02
N VAL B 10 6.12 18.23 9.27
CA VAL B 10 7.24 17.08 9.01
CA VAL B 10 7.06 17.13 9.11
C VAL B 10 7.50 16.65 10.45
C VAL B 10 7.42 16.65 10.50
N VAL B 11 7.13 15.41 10.77
N VAL B 11 7.07 15.39 10.81
CA VAL B 11 7.25 14.89 12.13
CA VAL B 11 7.20 14.84 12.14
C VAL B 11 8.07 13.60 12.09
C VAL B 11 8.08 13.60 12.08
N SER B 12 8.91 13.43 13.11
CA SER B 12 9.67 12.21 13.31
C SER B 12 9.36 11.74 14.72
N CYS B 13 9.00 10.47 14.86
CA CYS B 13 8.56 9.94 16.15
C CYS B 13 9.74 9.23 16.80
N PRO B 14 10.46 9.86 17.73
CA PRO B 14 11.64 9.22 18.31
C PRO B 14 11.26 8.24 19.41
N LYS B 15 12.27 7.51 19.90
CA LYS B 15 12.04 6.49 20.91
C LYS B 15 11.58 7.11 22.22
N LEU B 16 12.42 7.96 22.82
CA LEU B 16 12.12 8.50 24.13
C LEU B 16 11.05 9.59 24.06
N GLU B 17 11.32 10.64 23.29
CA GLU B 17 10.40 11.77 23.22
C GLU B 17 9.14 11.36 22.46
N GLN B 18 8.12 12.23 22.54
CA GLN B 18 6.84 11.94 21.91
C GLN B 18 6.85 12.32 20.43
N GLU B 19 7.16 13.57 20.13
CA GLU B 19 7.16 14.07 18.76
C GLU B 19 8.33 15.01 18.54
N LEU B 20 8.91 14.93 17.35
CA LEU B 20 9.91 15.89 16.90
C LEU B 20 9.41 16.52 15.61
N TYR B 21 9.16 17.83 15.65
CA TYR B 21 8.69 18.57 14.48
C TYR B 21 9.88 19.17 13.76
N LEU B 22 10.10 18.74 12.52
CA LEU B 22 11.23 19.18 11.73
C LEU B 22 10.94 20.49 11.02
N ASP B 23 12.01 21.17 10.65
CA ASP B 23 11.91 22.27 9.69
C ASP B 23 11.74 21.69 8.29
N PRO B 24 10.71 22.08 7.54
CA PRO B 24 10.51 21.49 6.21
C PRO B 24 11.74 21.56 5.31
N ASP B 25 12.56 22.61 5.43
CA ASP B 25 13.75 22.74 4.61
C ASP B 25 14.73 21.58 4.82
N GLN B 26 14.61 20.84 5.91
CA GLN B 26 15.52 19.75 6.19
C GLN B 26 15.31 18.55 5.28
N VAL B 27 14.19 18.46 4.55
CA VAL B 27 13.90 17.27 3.74
C VAL B 27 13.56 17.65 2.30
N THR B 28 13.75 18.91 1.93
CA THR B 28 13.39 19.34 0.58
C THR B 28 14.28 18.73 -0.49
N ASP B 29 15.47 18.26 -0.13
CA ASP B 29 16.34 17.61 -1.10
C ASP B 29 15.72 16.32 -1.63
N TYR B 30 14.86 15.68 -0.83
CA TYR B 30 14.24 14.43 -1.21
C TYR B 30 12.90 14.63 -1.91
N LEU B 31 12.58 15.85 -2.30
CA LEU B 31 11.40 16.18 -3.06
C LEU B 31 11.74 16.37 -4.52
N PRO B 32 10.77 16.19 -5.43
CA PRO B 32 9.38 15.83 -5.14
C PRO B 32 9.21 14.33 -4.90
N VAL B 33 8.13 13.97 -4.21
CA VAL B 33 7.74 12.57 -4.03
C VAL B 33 6.57 12.32 -4.98
N THR B 34 6.80 11.51 -6.01
CA THR B 34 5.77 11.12 -6.94
C THR B 34 5.31 9.68 -6.76
N GLU B 35 6.02 8.89 -5.93
CA GLU B 35 5.54 7.55 -5.60
C GLU B 35 4.45 7.63 -4.54
N PRO B 36 3.41 6.80 -4.63
CA PRO B 36 2.31 6.89 -3.66
C PRO B 36 2.77 6.61 -2.24
N LEU B 37 2.47 7.53 -1.34
CA LEU B 37 2.60 7.30 0.09
C LEU B 37 1.24 7.01 0.70
N PRO B 38 1.12 6.06 1.63
CA PRO B 38 -0.19 5.80 2.23
C PRO B 38 -0.62 6.96 3.12
N ILE B 39 -1.92 7.24 3.10
CA ILE B 39 -2.53 8.24 3.97
C ILE B 39 -3.27 7.51 5.08
N THR B 40 -2.87 7.76 6.32
CA THR B 40 -3.44 7.12 7.50
C THR B 40 -4.09 8.17 8.39
N ILE B 41 -4.75 7.70 9.45
CA ILE B 41 -5.41 8.57 10.42
C ILE B 41 -4.53 8.60 11.67
N GLU B 42 -3.98 9.78 11.98
CA GLU B 42 -3.33 10.04 13.27
C GLU B 42 -2.25 9.00 13.57
N HIS B 43 -1.50 8.62 12.54
CA HIS B 43 -0.39 7.68 12.66
C HIS B 43 -0.82 6.33 13.22
N LEU B 44 -2.12 6.01 13.13
CA LEU B 44 -2.62 4.76 13.70
C LEU B 44 -2.38 3.60 12.73
N PRO B 45 -1.99 2.43 13.22
CA PRO B 45 -1.88 1.27 12.33
C PRO B 45 -3.23 0.85 11.79
N GLU B 46 -3.25 0.44 10.53
CA GLU B 46 -4.43 -0.15 9.92
C GLU B 46 -5.55 0.87 9.74
N THR B 47 -5.21 2.14 9.51
CA THR B 47 -6.17 3.17 9.17
C THR B 47 -5.80 3.86 7.86
N GLU B 48 -5.19 3.11 6.94
CA GLU B 48 -4.97 3.61 5.59
C GLU B 48 -6.30 3.94 4.93
N VAL B 49 -6.45 5.18 4.47
CA VAL B 49 -7.67 5.62 3.81
C VAL B 49 -7.44 6.05 2.37
N GLY B 50 -6.19 6.06 1.91
CA GLY B 50 -5.90 6.55 0.58
C GLY B 50 -4.41 6.67 0.36
N TRP B 51 -4.05 7.42 -0.68
CA TRP B 51 -2.66 7.52 -1.11
C TRP B 51 -2.36 8.95 -1.53
N THR B 52 -1.13 9.39 -1.27
CA THR B 52 -0.68 10.67 -1.80
C THR B 52 -0.45 10.56 -3.29
N LEU B 53 -0.70 11.66 -3.99
CA LEU B 53 -0.45 11.74 -5.43
C LEU B 53 0.80 12.55 -5.76
N GLY B 54 1.18 13.48 -4.90
CA GLY B 54 2.39 14.25 -5.08
C GLY B 54 2.72 15.08 -3.86
N LEU B 55 3.99 15.09 -3.46
CA LEU B 55 4.52 16.03 -2.47
C LEU B 55 5.50 16.95 -3.18
N PHE B 56 5.24 18.25 -3.14
CA PHE B 56 6.01 19.22 -3.90
C PHE B 56 6.51 20.34 -3.00
N GLN B 57 7.73 20.79 -3.25
CA GLN B 57 8.26 21.97 -2.60
C GLN B 57 7.60 23.21 -3.20
N VAL B 58 6.73 23.85 -2.44
CA VAL B 58 5.91 24.96 -2.92
C VAL B 58 6.08 26.13 -1.96
N SER B 59 6.45 27.29 -2.50
CA SER B 59 6.51 28.52 -1.72
C SER B 59 7.31 28.33 -0.43
N HIS B 60 6.64 28.35 0.71
CA HIS B 60 7.32 28.36 2.01
C HIS B 60 7.48 26.98 2.62
N GLY B 61 6.97 25.93 1.97
CA GLY B 61 7.06 24.60 2.55
C GLY B 61 6.78 23.45 1.60
N ILE B 62 6.12 22.42 2.11
CA ILE B 62 5.87 21.19 1.37
C ILE B 62 4.36 21.05 1.21
N PHE B 63 3.90 21.04 -0.03
CA PHE B 63 2.48 20.94 -0.33
C PHE B 63 2.14 19.52 -0.74
N CYS B 64 1.08 18.98 -0.15
CA CYS B 64 0.67 17.61 -0.38
C CYS B 64 -0.67 17.55 -1.09
N THR B 65 -0.78 16.65 -2.06
N THR B 65 -0.79 16.66 -2.06
CA THR B 65 -2.04 16.34 -2.72
CA THR B 65 -2.05 16.35 -2.71
C THR B 65 -2.24 14.83 -2.68
C THR B 65 -2.24 14.84 -2.68
N GLY B 66 -3.41 14.40 -2.22
CA GLY B 66 -3.70 12.98 -2.12
C GLY B 66 -5.15 12.70 -2.39
N ALA B 67 -5.46 11.41 -2.49
CA ALA B 67 -6.82 10.95 -2.73
C ALA B 67 -7.24 10.04 -1.58
N ILE B 68 -8.43 10.27 -1.07
CA ILE B 68 -9.05 9.39 -0.07
C ILE B 68 -9.97 8.45 -0.83
N THR B 69 -9.62 7.16 -0.83
CA THR B 69 -10.28 6.19 -1.69
C THR B 69 -10.89 5.00 -0.94
N SER B 70 -10.64 4.88 0.37
CA SER B 70 -11.17 3.76 1.13
C SER B 70 -12.70 3.80 1.13
N PRO B 71 -13.37 2.85 0.49
CA PRO B 71 -14.85 2.85 0.54
C PRO B 71 -15.39 2.74 1.96
N ALA B 72 -14.75 1.95 2.82
CA ALA B 72 -15.22 1.82 4.19
C ALA B 72 -15.11 3.14 4.94
N PHE B 73 -13.99 3.85 4.78
CA PHE B 73 -13.81 5.11 5.50
C PHE B 73 -14.76 6.19 4.98
N LEU B 74 -14.93 6.26 3.66
CA LEU B 74 -15.81 7.29 3.09
C LEU B 74 -17.25 7.08 3.52
N GLU B 75 -17.69 5.81 3.56
CA GLU B 75 -19.04 5.52 4.05
C GLU B 75 -19.19 5.90 5.51
N LEU B 76 -18.17 5.58 6.32
CA LEU B 76 -18.24 5.87 7.75
C LEU B 76 -18.20 7.37 8.01
N ALA B 77 -17.31 8.10 7.33
CA ALA B 77 -17.25 9.55 7.50
C ALA B 77 -18.56 10.20 7.07
N SER B 78 -19.14 9.72 5.97
N SER B 78 -19.13 9.73 5.96
CA SER B 78 -20.42 10.27 5.52
CA SER B 78 -20.42 10.26 5.51
C SER B 78 -21.51 10.02 6.55
C SER B 78 -21.51 10.02 6.55
N ARG B 79 -21.59 8.80 7.07
CA ARG B 79 -22.60 8.49 8.08
C ARG B 79 -22.42 9.35 9.33
N LEU B 80 -21.18 9.58 9.74
CA LEU B 80 -20.93 10.46 10.88
C LEU B 80 -21.30 11.90 10.54
N ALA B 81 -20.95 12.37 9.35
CA ALA B 81 -21.22 13.74 8.98
C ALA B 81 -22.70 14.07 9.05
N ASP B 82 -23.56 13.12 8.68
CA ASP B 82 -24.99 13.39 8.53
C ASP B 82 -25.83 12.93 9.71
N THR B 83 -25.36 11.98 10.53
CA THR B 83 -26.19 11.41 11.58
C THR B 83 -25.60 11.50 12.98
N SER B 84 -24.32 11.85 13.13
CA SER B 84 -23.70 11.94 14.45
C SER B 84 -23.87 13.36 15.00
N HIS B 85 -24.49 13.45 16.18
CA HIS B 85 -24.66 14.76 16.83
C HIS B 85 -23.34 15.26 17.38
N VAL B 86 -22.50 14.36 17.88
N VAL B 86 -22.51 14.36 17.90
CA VAL B 86 -21.21 14.78 18.44
CA VAL B 86 -21.20 14.75 18.44
C VAL B 86 -20.28 15.27 17.34
C VAL B 86 -20.31 15.29 17.32
N ALA B 87 -20.33 14.62 16.16
CA ALA B 87 -19.47 15.04 15.06
C ALA B 87 -19.85 16.42 14.54
N ARG B 88 -21.13 16.77 14.60
CA ARG B 88 -21.62 18.03 14.05
C ARG B 88 -21.57 19.17 15.06
N ALA B 89 -21.38 18.88 16.34
CA ALA B 89 -21.51 19.91 17.37
C ALA B 89 -20.52 21.05 17.20
N PRO B 90 -19.21 20.81 17.03
CA PRO B 90 -18.25 21.92 16.96
C PRO B 90 -18.11 22.57 15.60
N VAL B 91 -19.01 22.28 14.65
CA VAL B 91 -18.90 22.83 13.30
C VAL B 91 -19.47 24.24 13.30
N LYS B 92 -18.72 25.18 12.74
CA LYS B 92 -19.19 26.56 12.58
C LYS B 92 -20.54 26.58 11.88
N LEU B 94 -24.05 26.04 10.43
CA LEU B 94 -24.86 25.25 9.51
C LEU B 94 -24.05 24.86 8.28
N PRO B 95 -23.50 23.65 8.27
CA PRO B 95 -22.60 23.25 7.19
C PRO B 95 -23.34 23.13 5.86
N LYS B 96 -22.72 23.68 4.81
CA LYS B 96 -23.27 23.55 3.46
C LYS B 96 -22.88 22.21 2.84
N GLU B 97 -21.67 21.74 3.11
CA GLU B 97 -21.19 20.44 2.66
C GLU B 97 -20.78 19.65 3.90
N PRO B 98 -21.71 18.92 4.53
CA PRO B 98 -21.39 18.27 5.82
C PRO B 98 -20.13 17.42 5.79
N LEU B 99 -19.95 16.57 4.77
CA LEU B 99 -18.79 15.69 4.74
C LEU B 99 -17.50 16.49 4.73
N LEU B 100 -17.41 17.49 3.87
CA LEU B 100 -16.16 18.24 3.73
C LEU B 100 -15.85 19.02 4.99
N GLU B 101 -16.86 19.66 5.59
CA GLU B 101 -16.60 20.48 6.77
C GLU B 101 -16.36 19.65 8.01
N ILE B 102 -16.93 18.44 8.08
CA ILE B 102 -16.66 17.54 9.20
C ILE B 102 -15.21 17.07 9.15
N LEU B 103 -14.72 16.74 7.96
CA LEU B 103 -13.32 16.32 7.83
C LEU B 103 -12.38 17.49 8.10
N HIS B 104 -12.70 18.68 7.59
CA HIS B 104 -11.87 19.85 7.83
C HIS B 104 -11.83 20.20 9.32
N THR B 105 -12.94 20.01 10.03
CA THR B 105 -13.02 20.40 11.43
C THR B 105 -12.24 19.44 12.33
N TRP B 106 -12.43 18.14 12.13
CA TRP B 106 -11.87 17.13 13.03
C TRP B 106 -10.50 16.64 12.61
N LEU B 107 -10.14 16.74 11.33
CA LEU B 107 -8.82 16.34 10.84
C LEU B 107 -8.20 17.54 10.11
N PRO B 108 -7.90 18.61 10.86
CA PRO B 108 -7.45 19.85 10.21
C PRO B 108 -6.01 19.87 9.74
N GLY B 109 -5.20 18.87 10.07
CA GLY B 109 -3.77 18.93 9.80
C GLY B 109 -3.27 17.73 9.04
N LEU B 110 -2.16 17.94 8.32
CA LEU B 110 -1.45 16.89 7.60
C LEU B 110 -0.05 16.77 8.17
N SER B 111 0.34 15.56 8.55
CA SER B 111 1.66 15.29 9.11
C SER B 111 2.38 14.30 8.20
N LEU B 112 3.54 14.70 7.72
CA LEU B 112 4.39 13.84 6.90
C LEU B 112 5.41 13.16 7.81
N SER B 113 5.27 11.84 7.95
CA SER B 113 6.16 11.07 8.82
C SER B 113 7.50 10.84 8.14
N SER B 114 8.58 11.15 8.84
CA SER B 114 9.93 11.11 8.28
C SER B 114 10.88 10.44 9.27
N ILE B 115 11.93 9.82 8.73
CA ILE B 115 12.99 9.29 9.58
C ILE B 115 13.71 10.43 10.28
N HIS B 116 14.42 10.09 11.36
CA HIS B 116 15.14 11.10 12.12
C HIS B 116 16.13 11.84 11.22
N PRO B 117 16.39 13.12 11.49
CA PRO B 117 17.33 13.87 10.62
C PRO B 117 18.68 13.20 10.42
N ARG B 118 19.32 12.75 11.51
CA ARG B 118 20.68 12.23 11.43
C ARG B 118 20.81 11.02 10.50
N GLU B 119 19.71 10.41 10.08
CA GLU B 119 19.77 9.24 9.22
C GLU B 119 19.53 9.62 7.77
N GLY B 126 17.21 4.75 3.50
CA GLY B 126 15.85 5.11 3.17
C GLY B 126 14.88 3.96 3.35
N PRO B 127 13.60 4.17 2.98
CA PRO B 127 13.08 5.42 2.43
C PRO B 127 12.93 6.53 3.47
N VAL B 128 12.96 7.78 3.01
CA VAL B 128 12.90 8.93 3.93
C VAL B 128 11.51 9.06 4.54
N PHE B 129 10.47 8.87 3.74
CA PHE B 129 9.10 9.11 4.14
C PHE B 129 8.35 7.79 4.27
N GLN B 130 7.52 7.69 5.31
CA GLN B 130 6.72 6.49 5.56
C GLN B 130 5.26 6.66 5.20
N HIS B 131 4.67 7.81 5.52
CA HIS B 131 3.25 8.02 5.28
C HIS B 131 2.93 9.48 5.56
N VAL B 132 1.75 9.90 5.10
CA VAL B 132 1.12 11.15 5.49
C VAL B 132 -0.09 10.79 6.34
N SER B 133 -0.29 11.53 7.42
CA SER B 133 -1.42 11.28 8.32
C SER B 133 -2.36 12.47 8.33
N LEU B 134 -3.66 12.18 8.28
CA LEU B 134 -4.68 13.14 8.64
C LEU B 134 -4.74 13.21 10.16
N CYS B 135 -4.51 14.39 10.72
CA CYS B 135 -4.25 14.54 12.15
C CYS B 135 -5.36 15.33 12.83
N ALA B 136 -5.84 14.79 13.95
CA ALA B 136 -6.79 15.47 14.82
C ALA B 136 -6.13 16.03 16.06
N LEU B 137 -4.94 15.55 16.41
CA LEU B 137 -4.27 15.91 17.65
C LEU B 137 -3.05 16.80 17.42
N GLY B 138 -2.91 17.37 16.23
CA GLY B 138 -1.70 18.06 15.84
C GLY B 138 -1.68 19.52 16.29
N ARG B 139 -0.70 20.24 15.75
CA ARG B 139 -0.46 21.63 16.11
C ARG B 139 -1.41 22.56 15.39
N ARG B 140 -1.48 23.79 15.88
CA ARG B 140 -2.31 24.83 15.29
C ARG B 140 -1.53 25.71 14.31
N ARG B 141 -0.41 25.21 13.80
CA ARG B 141 0.38 25.94 12.82
C ARG B 141 1.07 24.93 11.92
N GLY B 142 1.47 25.40 10.74
CA GLY B 142 2.26 24.60 9.83
C GLY B 142 1.49 23.85 8.77
N THR B 143 0.20 23.57 9.00
CA THR B 143 -0.55 22.74 8.06
C THR B 143 -2.04 23.00 8.24
N VAL B 144 -2.74 23.17 7.13
CA VAL B 144 -4.20 23.18 7.10
C VAL B 144 -4.65 22.21 6.02
N ALA B 145 -5.47 21.24 6.39
CA ALA B 145 -5.95 20.23 5.47
C ALA B 145 -7.27 20.68 4.84
N VAL B 146 -7.33 20.65 3.52
CA VAL B 146 -8.53 21.00 2.76
C VAL B 146 -9.00 19.75 2.02
N TYR B 147 -10.27 19.42 2.15
CA TYR B 147 -10.88 18.27 1.49
C TYR B 147 -11.90 18.72 0.46
N GLY B 148 -11.92 18.04 -0.68
CA GLY B 148 -12.83 18.42 -1.75
C GLY B 148 -13.13 17.27 -2.68
N HIS B 149 -14.07 17.52 -3.59
CA HIS B 149 -14.49 16.51 -4.55
C HIS B 149 -13.64 16.50 -5.82
N ASP B 150 -12.89 17.56 -6.09
CA ASP B 150 -11.99 17.61 -7.23
C ASP B 150 -10.71 18.33 -6.82
N ALA B 151 -9.61 17.97 -7.49
CA ALA B 151 -8.30 18.48 -7.12
C ALA B 151 -8.23 20.00 -7.32
N GLU B 152 -8.81 20.51 -8.40
CA GLU B 152 -8.71 21.93 -8.69
C GLU B 152 -9.43 22.76 -7.63
N TRP B 153 -10.56 22.26 -7.12
CA TRP B 153 -11.26 22.97 -6.05
C TRP B 153 -10.39 23.08 -4.80
N VAL B 154 -9.68 21.99 -4.45
CA VAL B 154 -8.81 21.99 -3.29
C VAL B 154 -7.64 22.95 -3.51
N VAL B 155 -6.91 22.76 -4.60
CA VAL B 155 -5.67 23.51 -4.83
C VAL B 155 -5.93 25.01 -4.94
N SER B 156 -7.15 25.41 -5.27
N SER B 156 -7.15 25.41 -5.27
CA SER B 156 -7.49 26.83 -5.41
CA SER B 156 -7.49 26.82 -5.41
C SER B 156 -7.87 27.48 -4.09
C SER B 156 -7.88 27.47 -4.09
N ARG B 157 -7.96 26.71 -3.00
CA ARG B 157 -8.33 27.24 -1.70
C ARG B 157 -7.14 27.78 -0.91
N PHE B 158 -6.03 28.08 -1.58
CA PHE B 158 -4.82 28.55 -0.92
C PHE B 158 -4.34 29.83 -1.59
N SER B 159 -3.75 30.71 -0.79
CA SER B 159 -3.30 32.01 -1.26
C SER B 159 -1.83 32.06 -1.63
N SER B 160 -1.00 31.23 -1.00
CA SER B 160 0.45 31.29 -1.19
C SER B 160 0.95 30.32 -2.27
N VAL B 161 0.05 29.65 -2.97
CA VAL B 161 0.44 28.77 -4.07
C VAL B 161 0.37 29.57 -5.36
N SER B 162 1.53 29.80 -5.98
CA SER B 162 1.60 30.67 -7.14
C SER B 162 0.81 30.07 -8.30
N LYS B 163 0.73 30.85 -9.38
CA LYS B 163 -0.06 30.44 -10.53
C LYS B 163 0.60 29.27 -11.26
N SER B 164 1.92 29.33 -11.44
CA SER B 164 2.62 28.24 -12.11
C SER B 164 2.74 27.02 -11.22
N GLU B 165 2.88 27.21 -9.91
CA GLU B 165 2.90 26.08 -9.00
C GLU B 165 1.57 25.33 -9.02
N ARG B 166 0.46 26.07 -9.04
CA ARG B 166 -0.84 25.44 -9.14
C ARG B 166 -0.98 24.64 -10.42
N ALA B 167 -0.47 25.16 -11.53
CA ALA B 167 -0.49 24.43 -12.78
C ALA B 167 0.38 23.18 -12.70
N HIS B 168 1.55 23.29 -12.09
CA HIS B 168 2.44 22.14 -11.98
C HIS B 168 1.82 21.04 -11.13
N ILE B 169 1.20 21.41 -10.01
CA ILE B 169 0.56 20.41 -9.15
C ILE B 169 -0.56 19.70 -9.91
N LEU B 170 -1.47 20.47 -10.50
CA LEU B 170 -2.62 19.86 -11.17
C LEU B 170 -2.21 19.08 -12.40
N GLN B 171 -1.14 19.50 -13.08
CA GLN B 171 -0.65 18.75 -14.23
C GLN B 171 -0.28 17.32 -13.83
N HIS B 172 0.45 17.17 -12.71
CA HIS B 172 0.81 15.84 -12.25
C HIS B 172 -0.41 15.06 -11.78
N VAL B 173 -1.26 15.69 -10.97
CA VAL B 173 -2.40 14.99 -10.39
C VAL B 173 -3.30 14.43 -11.50
N SER B 174 -3.56 15.22 -12.53
CA SER B 174 -4.44 14.77 -13.61
C SER B 174 -3.90 13.53 -14.30
N SER B 175 -2.58 13.37 -14.35
CA SER B 175 -1.97 12.22 -15.01
C SER B 175 -2.04 10.96 -14.16
N CYS B 176 -2.56 11.03 -12.94
CA CYS B 176 -2.65 9.87 -12.06
C CYS B 176 -4.00 9.20 -12.24
N ARG B 177 -3.98 7.89 -12.45
CA ARG B 177 -5.20 7.07 -12.51
C ARG B 177 -5.49 6.54 -11.11
N LEU B 178 -6.63 6.92 -10.55
CA LEU B 178 -6.98 6.49 -9.21
C LEU B 178 -7.34 5.01 -9.18
N GLU B 179 -7.86 4.47 -10.28
CA GLU B 179 -8.22 3.06 -10.32
C GLU B 179 -7.01 2.17 -10.13
N ASP B 180 -5.83 2.62 -10.57
CA ASP B 180 -4.61 1.85 -10.44
C ASP B 180 -4.04 1.86 -9.02
N LEU B 181 -4.61 2.64 -8.11
CA LEU B 181 -4.15 2.67 -6.74
C LEU B 181 -4.62 1.42 -6.00
N SER B 182 -3.74 0.89 -5.16
N SER B 182 -3.74 0.87 -5.17
CA SER B 182 -4.03 -0.33 -4.42
CA SER B 182 -4.08 -0.37 -4.48
C SER B 182 -5.11 -0.07 -3.37
C SER B 182 -5.07 -0.08 -3.35
N THR B 183 -5.65 -1.16 -2.83
CA THR B 183 -6.65 -1.04 -1.78
C THR B 183 -5.97 -0.58 -0.48
N PRO B 184 -6.43 0.49 0.15
CA PRO B 184 -5.88 0.85 1.45
C PRO B 184 -6.41 -0.08 2.53
N ASN B 185 -5.53 -0.44 3.45
N ASN B 185 -5.52 -0.43 3.47
CA ASN B 185 -5.87 -1.33 4.56
CA ASN B 185 -5.88 -1.34 4.56
C ASN B 185 -6.50 -0.50 5.68
C ASN B 185 -6.50 -0.51 5.68
N PHE B 186 -7.82 -0.38 5.63
CA PHE B 186 -8.58 0.34 6.64
C PHE B 186 -9.38 -0.66 7.47
N VAL B 187 -9.27 -0.53 8.79
CA VAL B 187 -10.01 -1.37 9.72
C VAL B 187 -10.84 -0.45 10.60
N SER B 188 -12.16 -0.57 10.49
CA SER B 188 -13.07 0.23 11.29
C SER B 188 -12.87 -0.12 12.76
N PRO B 189 -12.55 0.85 13.62
CA PRO B 189 -12.27 0.50 15.03
C PRO B 189 -13.49 0.05 15.81
N LEU B 190 -14.68 0.57 15.49
CA LEU B 190 -15.87 0.26 16.27
C LEU B 190 -16.89 -0.59 15.51
N GLU B 191 -16.73 -0.77 14.20
CA GLU B 191 -17.58 -1.65 13.40
C GLU B 191 -19.07 -1.38 13.65
N THR B 192 -19.46 -0.12 13.44
CA THR B 192 -20.84 0.28 13.67
C THR B 192 -21.72 0.08 12.44
N LEU B 193 -21.15 -0.06 11.25
CA LEU B 193 -21.93 -0.31 10.05
C LEU B 193 -22.69 -1.63 10.18
O01 8OY C . -5.95 -16.80 -19.23
C02 8OY C . -5.97 -16.72 -18.04
C03 8OY C . -4.89 -17.42 -17.13
N04 8OY C . -5.17 -17.39 -15.77
C05 8OY C . -4.28 -17.95 -14.88
C06 8OY C . -4.54 -17.98 -13.34
C07 8OY C . -5.23 -19.22 -12.70
C08 8OY C . -5.91 -20.16 -13.71
C09 8OY C . -6.69 -21.35 -13.13
C10 8OY C . -6.85 -21.32 -11.61
C11 8OY C . -7.11 -19.95 -11.04
C12 8OY C . -6.26 -18.82 -11.63
C13 8OY C . -3.11 -18.54 -15.37
C14 8OY C . -2.83 -18.55 -16.71
C15 8OY C . -3.73 -17.98 -17.63
N16 8OY C . -7.00 -15.94 -17.40
C17 8OY C . -8.06 -15.18 -18.02
C18 8OY C . -8.50 -15.30 -19.35
C19 8OY C . -9.51 -14.52 -19.93
C20 8OY C . -10.16 -13.52 -19.20
C21 8OY C . -11.30 -12.60 -19.78
O22 8OY C . -11.79 -11.83 -18.92
O23 8OY C . -11.59 -12.70 -20.95
C24 8OY C . -9.73 -13.37 -17.88
C25 8OY C . -8.72 -14.13 -17.27
N26 8OY C . -8.34 -13.93 -15.90
C27 8OY C . -8.53 -14.80 -14.84
C28 8OY C . -9.13 -16.07 -14.96
C29 8OY C . -9.34 -16.98 -13.92
C30 8OY C . -8.94 -16.70 -12.59
C31 8OY C . -8.38 -15.47 -12.65
C32 8OY C . -8.09 -14.49 -13.46
H061 8OY C . -3.72 -17.79 -12.86
H062 8OY C . -5.09 -17.21 -13.10
H071 8OY C . -4.53 -19.73 -12.27
H082 8OY C . -5.26 -20.50 -14.35
H081 8OY C . -6.48 -19.66 -14.31
H091 8OY C . -6.30 -22.19 -13.41
H092 8OY C . -7.57 -21.40 -13.54
H101 8OY C . -7.55 -21.93 -11.35
H102 8OY C . -6.06 -21.72 -11.20
H112 8OY C . -8.05 -19.74 -11.14
H111 8OY C . -7.02 -19.98 -10.07
H122 8OY C . -6.86 -18.15 -11.99
H121 8OY C . -5.82 -18.33 -10.92
H131 8OY C . -2.51 -18.92 -14.76
H141 8OY C . -2.07 -18.93 -17.08
H151 8OY C . -3.51 -18.01 -18.53
H161 8OY C . -6.99 -15.88 -16.54
H181 8OY C . -8.12 -15.94 -19.92
H191 8OY C . -9.76 -14.66 -20.81
H241 8OY C . -10.18 -12.70 -17.41
H261 8OY C . -8.16 -13.11 -15.68
H281 8OY C . -9.43 -16.33 -15.80
H291 8OY C . -9.75 -17.80 -14.06
H301 8OY C . -9.06 -17.28 -11.89
H321 8OY C . -7.68 -13.67 -13.27
O01 8OY D . -18.48 8.54 16.55
C02 8OY D . -17.46 8.96 16.11
C03 8OY D . -17.00 10.47 16.26
N04 8OY D . -15.85 10.73 15.57
C05 8OY D . -15.31 11.98 15.58
C06 8OY D . -14.02 12.25 14.81
C07 8OY D . -13.94 11.63 13.37
C08 8OY D . -12.54 11.40 12.79
C09 8OY D . -12.57 10.69 11.44
C10 8OY D . -13.51 11.32 10.40
C11 8OY D . -14.81 11.88 10.95
C12 8OY D . -14.73 12.47 12.36
C13 8OY D . -15.96 13.01 16.27
C14 8OY D . -17.13 12.74 16.95
C15 8OY D . -17.69 11.44 16.96
N16 8OY D . -16.55 8.13 15.37
C17 8OY D . -16.62 6.76 14.98
C18 8OY D . -17.80 6.02 14.86
C19 8OY D . -17.84 4.69 14.40
C20 8OY D . -16.67 4.03 14.00
C21 8OY D . -16.64 2.55 13.48
O22 8OY D . -17.79 2.12 13.24
O23 8OY D . -15.58 2.03 13.32
C24 8OY D . -15.50 4.76 14.10
C25 8OY D . -15.43 6.09 14.56
N26 8OY D . -14.18 6.77 14.61
C27 8OY D . -13.18 6.75 13.65
C28 8OY D . -13.43 6.82 12.27
C29 8OY D . -12.44 6.79 11.27
C30 8OY D . -11.07 6.70 11.57
C31 8OY D . -11.01 6.64 12.92
C32 8OY D . -11.75 6.65 14.00
H061 8OY D . -13.82 13.19 14.75
H062 8OY D . -13.26 11.89 15.30
H071 8OY D . -14.37 10.76 13.45
H082 8OY D . -12.07 12.24 12.71
H081 8OY D . -11.98 10.92 13.41
H091 8OY D . -12.77 9.75 11.55
H092 8OY D . -11.67 10.63 11.08
H101 8OY D . -13.69 10.67 9.70
H102 8OY D . -13.02 12.01 9.92
H112 8OY D . -15.14 12.55 10.34
H111 8OY D . -15.50 11.20 10.90
H122 8OY D . -15.63 12.64 12.68
H121 8OY D . -14.37 13.37 12.33
H131 8OY D . -15.59 13.86 16.28
H141 8OY D . -17.60 13.38 17.43
H151 8OY D . -18.48 11.31 17.43
H161 8OY D . -15.84 8.51 15.07
H181 8OY D . -18.62 6.36 15.09
H191 8OY D . -18.64 4.23 14.35
H241 8OY D . -14.75 4.30 13.83
H261 8OY D . -14.10 7.40 15.19
H281 8OY D . -14.31 6.88 11.98
H291 8OY D . -12.66 6.84 10.37
H301 8OY D . -10.40 6.68 10.93
H321 8OY D . -11.48 6.60 14.89
O01 8OY E . -8.82 12.40 22.97
C02 8OY E . -8.82 11.53 22.15
C03 8OY E . -10.14 11.08 21.41
N04 8OY E . -9.91 10.21 20.38
C05 8OY E . -10.94 9.71 19.65
C06 8OY E . -10.66 8.76 18.47
C07 8OY E . -9.71 9.34 17.39
C08 8OY E . -10.33 10.51 16.61
C09 8OY E . -9.40 11.16 15.58
C10 8OY E . -8.67 10.17 14.67
C11 8OY E . -8.23 8.88 15.34
C12 8OY E . -9.21 8.31 16.37
C13 8OY E . -12.25 10.08 19.96
C14 8OY E . -12.50 10.96 21.00
C15 8OY E . -11.43 11.47 21.78
N16 8OY E . -7.60 10.85 21.81
C17 8OY E . -6.27 11.02 22.36
C18 8OY E . -5.96 11.85 23.46
C19 8OY E . -4.68 11.98 24.00
C20 8OY E . -3.58 11.28 23.48
C21 8OY E . -2.12 11.40 24.06
O22 8OY E . -1.97 12.42 24.77
O23 8OY E . -1.33 10.52 23.79
C24 8OY E . -3.87 10.44 22.40
C25 8OY E . -5.15 10.28 21.83
N26 8OY E . -5.34 9.40 20.72
C27 8OY E . -6.12 8.25 20.65
C28 8OY E . -6.32 7.49 19.48
C29 8OY E . -7.09 6.32 19.38
C30 8OY E . -7.77 5.77 20.49
C31 8OY E . -7.49 6.61 21.52
C32 8OY E . -6.82 7.70 21.84
H061 8OY E . -10.32 7.90 18.77
H062 8OY E . -11.49 8.53 18.03
H071 8OY E . -8.94 9.69 17.88
H082 8OY E . -10.65 11.20 17.22
H081 8OY E . -11.15 10.25 16.18
H091 8OY E . -8.76 11.75 16.02
H092 8OY E . -9.89 11.80 15.04
H101 8OY E . -9.23 9.96 13.91
H102 8OY E . -7.91 10.61 14.26
H112 8OY E . -8.06 8.21 14.65
H111 8OY E . -7.34 8.99 15.72
H122 8OY E . -9.94 7.90 15.90
H121 8OY E . -8.82 7.54 16.82
H131 8OY E . -12.95 9.75 19.46
H141 8OY E . -13.35 11.23 21.26
H151 8OY E . -11.63 12.05 22.47
H161 8OY E . -7.65 10.21 21.23
H181 8OY E . -6.61 12.35 23.88
H191 8OY E . -4.54 12.55 24.72
H241 8OY E . -3.13 9.99 22.07
H261 8OY E . -4.90 9.57 19.99
H281 8OY E . -5.90 7.78 18.70
H291 8OY E . -7.19 5.86 18.58
H301 8OY E . -8.29 5.01 20.45
H321 8OY E . -6.76 8.12 22.66
#